data_2BW0
#
_entry.id   2BW0
#
_cell.length_a   108.226
_cell.length_b   64.502
_cell.length_c   58.891
_cell.angle_alpha   90.00
_cell.angle_beta   98.18
_cell.angle_gamma   90.00
#
_symmetry.space_group_name_H-M   'C 1 2 1'
#
loop_
_entity.id
_entity.type
_entity.pdbx_description
1 polymer '10-FORMYLTETRAHYDROFOLATE DEHYDROGENASE'
2 non-polymer 'SULFATE ION'
3 water water
#
_entity_poly.entity_id   1
_entity_poly.type   'polypeptide(L)'
_entity_poly.pdbx_seq_one_letter_code
;MHHHHHHSSGVDLGTENLYFQSMKIAVIGQSLFGQEVYCHLRKEGHEVVGVFTVPDKDGKADPLGLEAEKDGVPVFKYSR
WRAKGQALPDVVAKYQALGAELNVLPFCSQFIPMEIISAPRHGSIIYHPSLLPRHRGASAINWTLIHGDKKGGFSIFWAD
DGLDTGDLLLQKECEVLPDDTVSTLYNRFLFPEGIKGMVQAVRLIAEGKAPRLPQPEEGATYEGIQKKETAKINWDQPAE
AIHNWIRGNDKVPGAWTEACEQKLTFFNSTLNTSGLVPEGDALPIPGAHRPGVVTKAGLILFGNDDKMLLVKNIQLEDGK
MILASNFFK
;
_entity_poly.pdbx_strand_id   A
#
# COMPACT_ATOMS: atom_id res chain seq x y z
N GLN A 21 8.58 -16.66 -24.95
CA GLN A 21 8.45 -15.31 -25.59
C GLN A 21 7.04 -14.72 -25.40
N SER A 22 6.08 -14.98 -26.30
CA SER A 22 4.68 -14.57 -26.06
C SER A 22 3.97 -15.55 -25.13
N MET A 23 3.81 -15.04 -23.70
CA MET A 23 3.54 -15.91 -22.60
C MET A 23 2.08 -15.88 -22.21
N LYS A 24 1.59 -16.99 -21.66
CA LYS A 24 0.28 -17.08 -21.05
C LYS A 24 0.44 -16.66 -19.58
N ILE A 25 -0.19 -15.56 -19.22
CA ILE A 25 0.01 -14.96 -17.89
C ILE A 25 -1.29 -14.91 -17.10
N ALA A 26 -1.24 -15.31 -15.83
CA ALA A 26 -2.37 -15.06 -14.88
C ALA A 26 -2.03 -13.81 -14.11
N VAL A 27 -2.99 -12.88 -14.04
CA VAL A 27 -2.76 -11.62 -13.29
C VAL A 27 -3.55 -11.71 -12.01
N ILE A 28 -2.89 -11.60 -10.86
CA ILE A 28 -3.58 -11.72 -9.56
C ILE A 28 -3.34 -10.38 -8.88
N GLY A 29 -4.37 -9.55 -8.80
CA GLY A 29 -4.13 -8.21 -8.34
C GLY A 29 -5.37 -7.37 -8.27
N GLN A 30 -5.19 -6.06 -8.18
CA GLN A 30 -6.34 -5.16 -8.05
C GLN A 30 -5.95 -3.71 -8.35
N SER A 31 -6.99 -2.87 -8.40
CA SER A 31 -6.83 -1.42 -8.48
C SER A 31 -6.32 -0.94 -9.82
N LEU A 32 -6.19 0.38 -9.96
CA LEU A 32 -5.74 0.95 -11.21
C LEU A 32 -4.33 0.40 -11.50
N PHE A 33 -3.50 0.21 -10.47
CA PHE A 33 -2.15 -0.35 -10.69
C PHE A 33 -2.23 -1.69 -11.46
N GLY A 34 -3.09 -2.59 -10.98
CA GLY A 34 -3.34 -3.91 -11.60
C GLY A 34 -3.88 -3.73 -13.01
N GLN A 35 -4.83 -2.81 -13.19
CA GLN A 35 -5.36 -2.52 -14.51
C GLN A 35 -4.30 -2.13 -15.51
N GLU A 36 -3.41 -1.19 -15.11
CA GLU A 36 -2.39 -0.76 -16.00
C GLU A 36 -1.39 -1.84 -16.35
N VAL A 37 -0.99 -2.66 -15.40
CA VAL A 37 -0.05 -3.75 -15.71
C VAL A 37 -0.74 -4.71 -16.68
N TYR A 38 -1.98 -5.03 -16.38
CA TYR A 38 -2.81 -5.86 -17.32
C TYR A 38 -2.79 -5.30 -18.73
N CYS A 39 -3.11 -4.01 -18.88
CA CYS A 39 -3.15 -3.39 -20.21
C CYS A 39 -1.82 -3.46 -20.94
N HIS A 40 -0.73 -3.22 -20.21
CA HIS A 40 0.59 -3.25 -20.83
C HIS A 40 0.98 -4.65 -21.29
N LEU A 41 0.60 -5.65 -20.50
CA LEU A 41 0.97 -7.03 -20.84
C LEU A 41 0.30 -7.40 -22.14
N ARG A 42 -0.95 -6.97 -22.29
CA ARG A 42 -1.66 -7.23 -23.54
C ARG A 42 -1.05 -6.49 -24.71
N LYS A 43 -0.66 -5.24 -24.46
CA LYS A 43 -0.05 -4.43 -25.52
C LYS A 43 1.28 -5.04 -26.02
N GLU A 44 2.01 -5.66 -25.11
CA GLU A 44 3.30 -6.28 -25.44
C GLU A 44 3.15 -7.64 -26.15
N GLY A 45 1.91 -8.09 -26.34
CA GLY A 45 1.67 -9.35 -27.05
C GLY A 45 1.48 -10.58 -26.20
N HIS A 46 1.44 -10.43 -24.89
CA HIS A 46 1.20 -11.59 -24.05
C HIS A 46 -0.28 -11.88 -23.95
N GLU A 47 -0.62 -13.14 -23.65
CA GLU A 47 -2.03 -13.46 -23.45
C GLU A 47 -2.30 -13.50 -21.97
N VAL A 48 -3.15 -12.61 -21.50
CA VAL A 48 -3.65 -12.74 -20.12
C VAL A 48 -4.72 -13.79 -20.14
N VAL A 49 -4.38 -14.95 -19.61
CA VAL A 49 -5.34 -16.07 -19.60
C VAL A 49 -6.43 -15.95 -18.57
N GLY A 50 -6.20 -15.12 -17.54
CA GLY A 50 -7.18 -14.95 -16.47
C GLY A 50 -6.75 -13.90 -15.47
N VAL A 51 -7.73 -13.32 -14.77
CA VAL A 51 -7.51 -12.29 -13.74
C VAL A 51 -8.23 -12.72 -12.48
N PHE A 52 -7.52 -12.66 -11.35
CA PHE A 52 -8.10 -12.96 -10.02
C PHE A 52 -8.00 -11.67 -9.25
N THR A 53 -9.14 -11.13 -8.84
CA THR A 53 -9.15 -9.81 -8.19
C THR A 53 -10.07 -9.84 -6.97
N VAL A 54 -10.43 -8.66 -6.45
CA VAL A 54 -11.20 -8.61 -5.18
C VAL A 54 -12.70 -8.44 -5.47
N PRO A 55 -13.57 -8.77 -4.50
CA PRO A 55 -15.00 -8.57 -4.77
C PRO A 55 -15.35 -7.08 -4.89
N ASP A 56 -16.49 -6.77 -5.52
CA ASP A 56 -17.02 -5.40 -5.52
C ASP A 56 -17.13 -4.91 -4.09
N LYS A 57 -16.85 -3.63 -3.88
CA LYS A 57 -16.88 -3.03 -2.54
C LYS A 57 -16.87 -1.51 -2.64
N ASP A 58 -18.05 -0.90 -2.52
CA ASP A 58 -19.31 -1.64 -2.48
C ASP A 58 -20.33 -0.94 -3.39
N GLY A 59 -20.84 -1.70 -4.34
CA GLY A 59 -21.49 -1.11 -5.51
C GLY A 59 -20.46 -0.60 -6.50
N LYS A 60 -19.17 -0.68 -6.13
CA LYS A 60 -18.06 -0.34 -7.02
C LYS A 60 -17.26 -1.61 -7.32
N ALA A 61 -17.16 -1.96 -8.61
CA ALA A 61 -16.32 -3.08 -9.07
C ALA A 61 -14.85 -2.66 -9.17
N ASP A 62 -13.94 -3.59 -8.91
CA ASP A 62 -12.52 -3.33 -9.17
C ASP A 62 -12.23 -3.01 -10.65
N PRO A 63 -11.41 -1.96 -10.92
CA PRO A 63 -11.19 -1.54 -12.30
C PRO A 63 -10.39 -2.56 -13.16
N LEU A 64 -9.55 -3.35 -12.49
CA LEU A 64 -8.80 -4.39 -13.23
C LEU A 64 -9.83 -5.47 -13.69
N GLY A 65 -10.72 -5.88 -12.78
CA GLY A 65 -11.81 -6.81 -13.17
C GLY A 65 -12.68 -6.26 -14.27
N LEU A 66 -13.04 -4.98 -14.20
CA LEU A 66 -13.90 -4.41 -15.22
C LEU A 66 -13.21 -4.35 -16.60
N GLU A 67 -11.92 -4.02 -16.61
CA GLU A 67 -11.20 -3.91 -17.84
C GLU A 67 -11.12 -5.29 -18.50
N ALA A 68 -10.79 -6.29 -17.69
CA ALA A 68 -10.64 -7.65 -18.21
C ALA A 68 -11.99 -8.16 -18.71
N GLU A 69 -13.06 -7.82 -18.00
CA GLU A 69 -14.41 -8.17 -18.47
C GLU A 69 -14.73 -7.57 -19.85
N LYS A 70 -14.29 -6.32 -20.07
CA LYS A 70 -14.46 -5.68 -21.38
C LYS A 70 -13.83 -6.51 -22.48
N ASP A 71 -12.72 -7.18 -22.13
CA ASP A 71 -11.93 -7.88 -23.09
C ASP A 71 -12.34 -9.35 -23.22
N GLY A 72 -13.24 -9.80 -22.36
CA GLY A 72 -13.64 -11.22 -22.31
C GLY A 72 -12.60 -12.12 -21.65
N VAL A 73 -11.64 -11.54 -20.96
CA VAL A 73 -10.67 -12.36 -20.24
C VAL A 73 -11.37 -12.92 -18.99
N PRO A 74 -11.16 -14.20 -18.69
CA PRO A 74 -11.74 -14.70 -17.42
C PRO A 74 -11.42 -13.86 -16.19
N VAL A 75 -12.44 -13.60 -15.38
CA VAL A 75 -12.30 -12.80 -14.16
C VAL A 75 -12.97 -13.49 -12.99
N PHE A 76 -12.19 -13.68 -11.92
CA PHE A 76 -12.67 -14.36 -10.71
C PHE A 76 -12.39 -13.49 -9.49
N LYS A 77 -13.37 -13.39 -8.60
CA LYS A 77 -13.25 -12.44 -7.51
C LYS A 77 -13.22 -13.15 -6.16
N TYR A 78 -12.20 -12.90 -5.34
CA TYR A 78 -12.03 -13.53 -4.02
C TYR A 78 -11.53 -12.59 -2.95
N SER A 79 -12.01 -12.76 -1.71
CA SER A 79 -11.38 -12.11 -0.56
C SER A 79 -10.49 -13.10 0.20
N ARG A 80 -11.01 -14.31 0.39
CA ARG A 80 -10.27 -15.39 1.04
C ARG A 80 -9.90 -16.41 -0.02
N TRP A 81 -8.73 -17.02 0.14
CA TRP A 81 -8.16 -17.92 -0.86
C TRP A 81 -8.00 -19.33 -0.35
N ARG A 82 -8.41 -19.56 0.90
CA ARG A 82 -8.09 -20.80 1.62
C ARG A 82 -9.28 -21.33 2.37
N ALA A 83 -9.26 -22.64 2.62
CA ALA A 83 -10.18 -23.32 3.54
C ALA A 83 -9.56 -24.64 3.95
N LYS A 84 -9.91 -25.10 5.15
CA LYS A 84 -9.39 -26.37 5.70
C LYS A 84 -7.87 -26.45 5.55
N GLY A 85 -7.21 -25.30 5.69
CA GLY A 85 -5.75 -25.28 5.70
C GLY A 85 -5.10 -25.38 4.33
N GLN A 86 -5.93 -25.35 3.28
CA GLN A 86 -5.47 -25.48 1.89
C GLN A 86 -6.05 -24.38 1.02
N ALA A 87 -5.43 -24.16 -0.16
CA ALA A 87 -6.06 -23.32 -1.19
C ALA A 87 -7.47 -23.85 -1.48
N LEU A 88 -8.39 -22.91 -1.62
CA LEU A 88 -9.78 -23.19 -2.01
C LEU A 88 -9.79 -24.04 -3.29
N PRO A 89 -10.37 -25.26 -3.24
CA PRO A 89 -10.43 -26.09 -4.45
C PRO A 89 -11.10 -25.41 -5.66
N ASP A 90 -12.10 -24.57 -5.41
CA ASP A 90 -12.74 -23.74 -6.46
C ASP A 90 -11.72 -22.90 -7.18
N VAL A 91 -10.88 -22.19 -6.44
CA VAL A 91 -9.93 -21.27 -7.08
C VAL A 91 -8.87 -22.06 -7.81
N VAL A 92 -8.42 -23.17 -7.20
CA VAL A 92 -7.40 -23.98 -7.85
C VAL A 92 -7.90 -24.47 -9.21
N ALA A 93 -9.16 -24.96 -9.25
CA ALA A 93 -9.70 -25.49 -10.50
C ALA A 93 -9.79 -24.42 -11.56
N LYS A 94 -10.41 -23.28 -11.23
CA LYS A 94 -10.53 -22.17 -12.14
C LYS A 94 -9.14 -21.74 -12.67
N TYR A 95 -8.15 -21.71 -11.77
CA TYR A 95 -6.76 -21.35 -12.10
C TYR A 95 -6.09 -22.38 -13.02
N GLN A 96 -6.28 -23.67 -12.71
CA GLN A 96 -5.62 -24.72 -13.49
C GLN A 96 -6.18 -24.82 -14.92
N ALA A 97 -7.44 -24.45 -15.13
CA ALA A 97 -8.00 -24.45 -16.51
C ALA A 97 -7.24 -23.51 -17.47
N LEU A 98 -6.65 -22.46 -16.90
CA LEU A 98 -6.14 -21.36 -17.70
C LEU A 98 -4.80 -21.65 -18.40
N GLY A 99 -4.02 -22.59 -17.85
CA GLY A 99 -2.73 -22.98 -18.45
C GLY A 99 -1.68 -21.87 -18.35
N ALA A 100 -1.74 -21.07 -17.29
CA ALA A 100 -0.79 -19.97 -17.18
C ALA A 100 0.67 -20.49 -17.10
N GLU A 101 1.57 -19.77 -17.75
CA GLU A 101 3.01 -20.02 -17.72
C GLU A 101 3.76 -19.11 -16.72
N LEU A 102 3.12 -18.01 -16.35
CA LEU A 102 3.73 -17.04 -15.43
C LEU A 102 2.57 -16.44 -14.66
N ASN A 103 2.76 -16.22 -13.36
CA ASN A 103 1.81 -15.40 -12.57
C ASN A 103 2.46 -14.03 -12.34
N VAL A 104 1.66 -12.98 -12.50
CA VAL A 104 2.10 -11.59 -12.22
C VAL A 104 1.16 -11.09 -11.13
N LEU A 105 1.75 -10.60 -10.02
CA LEU A 105 0.99 -10.14 -8.87
C LEU A 105 1.27 -8.62 -8.72
N PRO A 106 0.53 -7.78 -9.48
CA PRO A 106 0.93 -6.34 -9.50
C PRO A 106 0.66 -5.50 -8.25
N PHE A 107 -0.29 -5.87 -7.42
CA PHE A 107 -0.73 -5.02 -6.32
C PHE A 107 -1.71 -5.96 -5.71
N CYS A 108 -1.19 -6.72 -4.77
CA CYS A 108 -1.91 -7.82 -4.18
C CYS A 108 -1.92 -7.62 -2.68
N SER A 109 -3.12 -7.44 -2.11
CA SER A 109 -3.28 -7.04 -0.71
C SER A 109 -3.01 -8.13 0.33
N GLN A 110 -2.78 -9.36 -0.13
CA GLN A 110 -2.58 -10.49 0.78
C GLN A 110 -1.59 -11.49 0.21
N PHE A 111 -1.27 -12.53 0.99
CA PHE A 111 -0.49 -13.63 0.42
C PHE A 111 -1.36 -14.73 -0.20
N ILE A 112 -0.96 -15.09 -1.41
CA ILE A 112 -1.65 -16.05 -2.24
C ILE A 112 -1.12 -17.43 -1.85
N PRO A 113 -2.01 -18.45 -1.83
CA PRO A 113 -1.55 -19.77 -1.39
C PRO A 113 -0.43 -20.28 -2.23
N MET A 114 0.49 -21.00 -1.58
CA MET A 114 1.63 -21.58 -2.28
C MET A 114 1.25 -22.44 -3.45
N GLU A 115 0.09 -23.09 -3.39
CA GLU A 115 -0.28 -24.01 -4.45
C GLU A 115 -0.46 -23.27 -5.79
N ILE A 116 -0.86 -22.00 -5.72
CA ILE A 116 -1.06 -21.18 -6.92
C ILE A 116 0.29 -20.55 -7.32
N ILE A 117 0.97 -20.00 -6.32
CA ILE A 117 2.29 -19.34 -6.55
C ILE A 117 3.25 -20.27 -7.28
N SER A 118 3.27 -21.53 -6.86
CA SER A 118 4.29 -22.44 -7.40
C SER A 118 3.88 -23.17 -8.69
N ALA A 119 2.63 -22.99 -9.13
CA ALA A 119 2.13 -23.75 -10.26
C ALA A 119 2.77 -23.49 -11.61
N PRO A 120 2.99 -22.19 -12.01
CA PRO A 120 3.43 -21.98 -13.39
C PRO A 120 4.90 -22.26 -13.66
N ARG A 121 5.18 -22.60 -14.92
CA ARG A 121 6.52 -22.91 -15.43
C ARG A 121 7.56 -21.84 -15.05
N HIS A 122 7.20 -20.59 -15.30
CA HIS A 122 8.11 -19.47 -15.09
C HIS A 122 8.07 -18.93 -13.67
N GLY A 123 7.20 -19.47 -12.81
CA GLY A 123 7.07 -19.00 -11.42
C GLY A 123 6.12 -17.78 -11.33
N SER A 124 6.20 -17.05 -10.21
CA SER A 124 5.33 -15.90 -9.95
C SER A 124 6.23 -14.73 -9.64
N ILE A 125 5.94 -13.56 -10.22
CA ILE A 125 6.67 -12.35 -9.83
C ILE A 125 5.69 -11.37 -9.19
N ILE A 126 6.19 -10.67 -8.18
CA ILE A 126 5.36 -9.92 -7.26
C ILE A 126 5.92 -8.49 -7.15
N TYR A 127 5.02 -7.50 -7.19
CA TYR A 127 5.42 -6.10 -6.93
C TYR A 127 5.24 -5.90 -5.43
N HIS A 128 6.24 -5.24 -4.82
CA HIS A 128 6.18 -4.95 -3.38
C HIS A 128 6.73 -3.53 -3.17
N PRO A 129 5.93 -2.65 -2.58
CA PRO A 129 6.30 -1.23 -2.55
C PRO A 129 7.24 -0.86 -1.39
N SER A 130 8.29 -1.64 -1.22
CA SER A 130 9.40 -1.17 -0.34
C SER A 130 10.69 -1.80 -0.84
N LEU A 131 11.78 -1.31 -0.25
CA LEU A 131 13.11 -1.78 -0.61
C LEU A 131 13.42 -3.05 0.19
N LEU A 132 12.86 -4.18 -0.28
CA LEU A 132 13.15 -5.47 0.38
C LEU A 132 14.66 -5.61 0.56
N PRO A 133 15.08 -6.16 1.71
CA PRO A 133 14.29 -6.83 2.76
C PRO A 133 13.60 -5.90 3.75
N ARG A 134 13.67 -4.59 3.57
CA ARG A 134 12.93 -3.68 4.47
C ARG A 134 11.45 -3.86 4.26
N HIS A 135 10.71 -3.90 5.36
CA HIS A 135 9.23 -3.85 5.33
C HIS A 135 8.60 -4.96 4.51
N ARG A 136 9.12 -6.17 4.67
CA ARG A 136 8.38 -7.33 4.23
C ARG A 136 6.97 -7.31 4.85
N GLY A 137 6.02 -7.90 4.13
CA GLY A 137 4.62 -7.94 4.59
C GLY A 137 3.77 -6.79 4.02
N ALA A 138 2.51 -6.79 4.41
CA ALA A 138 1.55 -5.87 3.87
C ALA A 138 1.75 -4.42 4.32
N SER A 139 1.05 -3.51 3.65
CA SER A 139 1.08 -2.08 4.00
C SER A 139 2.49 -1.51 4.06
N ALA A 140 3.36 -1.94 3.16
CA ALA A 140 4.77 -1.56 3.27
C ALA A 140 5.03 -0.07 3.08
N ILE A 141 4.17 0.63 2.33
CA ILE A 141 4.38 2.07 2.16
C ILE A 141 4.08 2.75 3.50
N ASN A 142 3.01 2.31 4.16
CA ASN A 142 2.72 2.87 5.50
C ASN A 142 3.92 2.72 6.43
N TRP A 143 4.45 1.50 6.51
CA TRP A 143 5.54 1.31 7.46
C TRP A 143 6.84 2.05 7.09
N THR A 144 7.07 2.25 5.79
CA THR A 144 8.19 3.08 5.32
C THR A 144 8.13 4.44 6.00
N LEU A 145 6.95 5.05 5.97
CA LEU A 145 6.77 6.44 6.45
C LEU A 145 6.62 6.51 7.97
N ILE A 146 5.92 5.55 8.56
CA ILE A 146 5.77 5.47 10.02
C ILE A 146 7.14 5.48 10.70
N HIS A 147 8.12 4.85 10.06
CA HIS A 147 9.46 4.83 10.58
C HIS A 147 10.36 6.00 10.15
N GLY A 148 9.83 6.91 9.36
CA GLY A 148 10.56 8.11 8.92
C GLY A 148 11.77 7.75 8.05
N ASP A 149 11.65 6.68 7.25
CA ASP A 149 12.75 6.28 6.34
C ASP A 149 13.04 7.43 5.39
N LYS A 150 14.33 7.65 5.08
CA LYS A 150 14.75 8.73 4.19
C LYS A 150 14.81 8.30 2.73
N LYS A 151 14.83 6.99 2.49
CA LYS A 151 14.68 6.46 1.12
C LYS A 151 13.59 5.43 1.12
N GLY A 152 12.99 5.23 -0.04
CA GLY A 152 11.96 4.17 -0.15
C GLY A 152 12.06 3.68 -1.58
N GLY A 153 11.06 2.91 -2.01
CA GLY A 153 11.11 2.48 -3.40
C GLY A 153 10.28 1.23 -3.53
N PHE A 154 10.49 0.51 -4.62
CA PHE A 154 9.74 -0.75 -4.80
C PHE A 154 10.65 -1.86 -5.32
N SER A 155 10.15 -3.06 -5.21
CA SER A 155 10.86 -4.25 -5.67
C SER A 155 9.93 -5.06 -6.52
N ILE A 156 10.47 -5.75 -7.54
CA ILE A 156 9.72 -6.82 -8.19
C ILE A 156 10.53 -8.06 -7.89
N PHE A 157 9.87 -9.07 -7.33
CA PHE A 157 10.67 -10.22 -6.84
C PHE A 157 10.04 -11.52 -7.19
N TRP A 158 10.88 -12.56 -7.20
CA TRP A 158 10.43 -13.90 -7.50
C TRP A 158 9.88 -14.56 -6.27
N ALA A 159 8.63 -14.99 -6.32
CA ALA A 159 8.03 -15.64 -5.12
C ALA A 159 8.80 -16.92 -4.79
N ASP A 160 9.10 -17.14 -3.51
CA ASP A 160 9.71 -18.41 -3.04
C ASP A 160 8.74 -19.00 -1.98
N ASP A 161 9.15 -19.96 -1.15
CA ASP A 161 8.19 -20.45 -0.14
C ASP A 161 8.11 -19.62 1.14
N GLY A 162 8.78 -18.47 1.15
CA GLY A 162 8.87 -17.67 2.34
C GLY A 162 7.99 -16.44 2.20
N LEU A 163 8.00 -15.59 3.23
CA LEU A 163 7.16 -14.39 3.27
C LEU A 163 7.97 -13.19 2.78
N ASP A 164 7.87 -12.93 1.47
CA ASP A 164 8.53 -11.76 0.83
C ASP A 164 10.05 -11.87 0.96
N THR A 165 10.56 -13.11 0.97
CA THR A 165 11.99 -13.40 1.03
C THR A 165 12.62 -13.71 -0.33
N GLY A 166 11.81 -13.81 -1.39
CA GLY A 166 12.30 -14.31 -2.71
C GLY A 166 13.33 -13.39 -3.33
N ASP A 167 14.16 -13.97 -4.21
CA ASP A 167 15.16 -13.14 -4.90
C ASP A 167 14.52 -12.00 -5.67
N LEU A 168 15.20 -10.86 -5.66
CA LEU A 168 14.74 -9.70 -6.44
C LEU A 168 14.96 -9.92 -7.91
N LEU A 169 14.07 -9.33 -8.73
CA LEU A 169 14.30 -9.25 -10.16
C LEU A 169 14.82 -7.83 -10.44
N LEU A 170 14.11 -6.82 -9.95
CA LEU A 170 14.64 -5.46 -9.97
C LEU A 170 14.12 -4.66 -8.77
N GLN A 171 14.82 -3.57 -8.46
CA GLN A 171 14.46 -2.69 -7.32
C GLN A 171 14.85 -1.29 -7.71
N LYS A 172 13.99 -0.34 -7.40
CA LYS A 172 14.24 1.06 -7.76
C LYS A 172 14.00 1.91 -6.52
N GLU A 173 14.92 2.83 -6.24
CA GLU A 173 14.86 3.69 -5.04
C GLU A 173 14.41 5.10 -5.35
N CYS A 174 13.78 5.73 -4.36
CA CYS A 174 13.51 7.17 -4.47
C CYS A 174 13.76 7.83 -3.10
N GLU A 175 13.97 9.15 -3.09
CA GLU A 175 14.14 9.86 -1.82
C GLU A 175 12.76 10.01 -1.19
N VAL A 176 12.70 9.92 0.13
CA VAL A 176 11.45 10.20 0.82
C VAL A 176 11.56 11.58 1.44
N LEU A 177 10.53 12.41 1.25
CA LEU A 177 10.55 13.79 1.71
C LEU A 177 9.84 13.92 3.06
N PRO A 178 10.18 14.96 3.84
CA PRO A 178 9.73 14.98 5.23
C PRO A 178 8.23 15.00 5.45
N ASP A 179 7.43 15.52 4.50
CA ASP A 179 5.96 15.56 4.64
C ASP A 179 5.27 14.59 3.68
N ASP A 180 6.06 13.71 3.05
CA ASP A 180 5.43 12.70 2.15
C ASP A 180 4.36 11.92 2.90
N THR A 181 3.29 11.55 2.20
CA THR A 181 2.28 10.68 2.81
C THR A 181 2.25 9.38 1.99
N VAL A 182 1.47 8.41 2.46
CA VAL A 182 1.31 7.17 1.64
C VAL A 182 0.85 7.51 0.21
N SER A 183 -0.17 8.38 0.11
CA SER A 183 -0.74 8.73 -1.19
C SER A 183 0.25 9.49 -2.06
N THR A 184 1.02 10.43 -1.48
CA THR A 184 1.90 11.25 -2.34
C THR A 184 3.10 10.43 -2.81
N LEU A 185 3.64 9.58 -1.94
CA LEU A 185 4.79 8.73 -2.32
C LEU A 185 4.33 7.70 -3.38
N TYR A 186 3.14 7.14 -3.18
CA TYR A 186 2.58 6.22 -4.19
C TYR A 186 2.36 6.93 -5.53
N ASN A 187 1.63 8.05 -5.54
CA ASN A 187 1.35 8.72 -6.80
C ASN A 187 2.56 9.31 -7.51
N ARG A 188 3.56 9.78 -6.77
CA ARG A 188 4.74 10.39 -7.37
C ARG A 188 5.66 9.34 -8.01
N PHE A 189 5.78 8.17 -7.38
CA PHE A 189 6.87 7.28 -7.75
C PHE A 189 6.43 5.81 -7.77
N LEU A 190 5.85 5.32 -6.68
CA LEU A 190 5.63 3.86 -6.58
C LEU A 190 4.61 3.37 -7.57
N PHE A 191 3.58 4.16 -7.84
CA PHE A 191 2.61 3.81 -8.92
C PHE A 191 3.25 3.92 -10.32
N PRO A 192 3.69 5.13 -10.76
CA PRO A 192 4.15 5.23 -12.19
C PRO A 192 5.40 4.41 -12.46
N GLU A 193 6.38 4.49 -11.56
CA GLU A 193 7.60 3.71 -11.76
C GLU A 193 7.37 2.23 -11.50
N GLY A 194 6.48 1.91 -10.57
CA GLY A 194 6.21 0.51 -10.30
C GLY A 194 5.57 -0.19 -11.47
N ILE A 195 4.60 0.45 -12.11
CA ILE A 195 4.01 -0.14 -13.31
C ILE A 195 5.10 -0.38 -14.36
N LYS A 196 5.90 0.65 -14.66
CA LYS A 196 7.00 0.54 -15.62
C LYS A 196 7.92 -0.64 -15.24
N GLY A 197 8.22 -0.75 -13.96
CA GLY A 197 9.13 -1.79 -13.45
C GLY A 197 8.54 -3.19 -13.65
N MET A 198 7.25 -3.36 -13.35
CA MET A 198 6.64 -4.69 -13.57
C MET A 198 6.68 -5.03 -15.06
N VAL A 199 6.36 -4.06 -15.89
CA VAL A 199 6.30 -4.32 -17.34
C VAL A 199 7.70 -4.68 -17.86
N GLN A 200 8.71 -3.96 -17.38
CA GLN A 200 10.09 -4.26 -17.74
C GLN A 200 10.48 -5.65 -17.27
N ALA A 201 10.05 -6.04 -16.06
CA ALA A 201 10.35 -7.38 -15.56
C ALA A 201 9.79 -8.48 -16.44
N VAL A 202 8.52 -8.29 -16.84
CA VAL A 202 7.92 -9.30 -17.70
C VAL A 202 8.67 -9.37 -19.06
N ARG A 203 9.13 -8.22 -19.55
CA ARG A 203 9.86 -8.20 -20.81
C ARG A 203 11.13 -9.02 -20.65
N LEU A 204 11.82 -8.82 -19.55
CA LEU A 204 13.05 -9.60 -19.32
C LEU A 204 12.77 -11.11 -19.22
N ILE A 205 11.67 -11.47 -18.55
CA ILE A 205 11.34 -12.86 -18.49
C ILE A 205 11.06 -13.41 -19.87
N ALA A 206 10.34 -12.61 -20.68
CA ALA A 206 9.97 -13.05 -22.05
C ALA A 206 11.20 -13.28 -22.90
N GLU A 207 12.24 -12.52 -22.62
CA GLU A 207 13.51 -12.55 -23.34
C GLU A 207 14.49 -13.57 -22.78
N GLY A 208 14.14 -14.21 -21.67
CA GLY A 208 15.02 -15.13 -20.97
C GLY A 208 16.21 -14.43 -20.32
N LYS A 209 16.02 -13.19 -19.89
CA LYS A 209 17.13 -12.38 -19.33
C LYS A 209 16.84 -11.83 -17.93
N ALA A 210 15.84 -12.38 -17.24
CA ALA A 210 15.53 -11.80 -15.95
C ALA A 210 16.56 -12.12 -14.85
N PRO A 211 17.03 -11.09 -14.15
CA PRO A 211 17.99 -11.29 -13.05
C PRO A 211 17.37 -11.97 -11.85
N ARG A 212 18.24 -12.59 -11.06
CA ARG A 212 17.85 -13.07 -9.76
C ARG A 212 18.88 -12.54 -8.76
N LEU A 213 18.42 -11.71 -7.82
CA LEU A 213 19.29 -10.99 -6.91
C LEU A 213 18.86 -11.34 -5.47
N PRO A 214 19.51 -12.33 -4.84
CA PRO A 214 19.08 -12.75 -3.46
C PRO A 214 19.04 -11.58 -2.49
N GLN A 215 18.03 -11.55 -1.63
CA GLN A 215 17.91 -10.44 -0.70
C GLN A 215 18.97 -10.61 0.41
N PRO A 216 19.64 -9.51 0.78
CA PRO A 216 20.54 -9.57 1.93
C PRO A 216 19.74 -9.78 3.21
N GLU A 217 20.40 -10.25 4.25
CA GLU A 217 19.77 -10.45 5.58
C GLU A 217 19.73 -9.13 6.35
N GLU A 218 20.76 -8.32 6.13
CA GLU A 218 20.94 -7.06 6.84
C GLU A 218 19.80 -6.11 6.53
N GLY A 219 19.21 -5.56 7.58
CA GLY A 219 18.17 -4.56 7.42
C GLY A 219 16.76 -5.12 7.21
N ALA A 220 16.60 -6.44 7.29
CA ALA A 220 15.27 -7.06 7.12
C ALA A 220 14.33 -6.61 8.25
N THR A 221 13.11 -6.22 7.88
CA THR A 221 12.05 -5.96 8.87
C THR A 221 10.76 -6.54 8.32
N TYR A 222 9.82 -6.82 9.25
CA TYR A 222 8.51 -7.30 8.82
C TYR A 222 7.41 -6.56 9.57
N GLU A 223 6.36 -6.16 8.85
CA GLU A 223 5.14 -5.67 9.49
C GLU A 223 3.95 -6.23 8.73
N GLY A 224 2.82 -6.42 9.42
CA GLY A 224 1.59 -6.88 8.78
C GLY A 224 0.65 -5.75 8.37
N ILE A 225 -0.56 -6.17 7.98
CA ILE A 225 -1.50 -5.23 7.37
C ILE A 225 -1.90 -4.16 8.37
N GLN A 226 -2.05 -2.94 7.86
CA GLN A 226 -2.41 -1.82 8.72
C GLN A 226 -3.87 -1.45 8.43
N LYS A 227 -4.76 -2.00 9.26
CA LYS A 227 -6.20 -1.67 9.15
C LYS A 227 -6.49 -0.44 10.01
N LYS A 228 -7.68 0.15 9.84
CA LYS A 228 -8.02 1.39 10.55
C LYS A 228 -7.81 1.22 12.01
N GLU A 229 -8.14 0.06 12.54
CA GLU A 229 -8.06 -0.08 13.99
C GLU A 229 -6.64 0.20 14.48
N THR A 230 -5.64 -0.38 13.82
CA THR A 230 -4.30 -0.23 14.37
C THR A 230 -3.63 1.08 13.94
N ALA A 231 -4.41 1.98 13.33
CA ALA A 231 -3.93 3.35 12.96
C ALA A 231 -4.24 4.36 14.06
N LYS A 232 -4.76 3.89 15.19
CA LYS A 232 -5.01 4.77 16.33
C LYS A 232 -3.73 5.44 16.79
N ILE A 233 -3.78 6.73 17.08
CA ILE A 233 -2.58 7.48 17.46
C ILE A 233 -2.14 7.17 18.88
N ASN A 234 -0.86 6.86 19.05
CA ASN A 234 -0.19 6.82 20.35
C ASN A 234 0.43 8.20 20.64
N TRP A 235 -0.14 8.92 21.60
CA TRP A 235 0.32 10.29 21.88
C TRP A 235 1.60 10.32 22.69
N ASP A 236 2.04 9.18 23.24
CA ASP A 236 3.21 9.18 24.12
C ASP A 236 4.47 9.04 23.30
N GLN A 237 4.70 10.01 22.41
CA GLN A 237 5.82 9.99 21.47
C GLN A 237 6.16 11.43 21.10
N PRO A 238 7.41 11.68 20.63
CA PRO A 238 7.79 13.02 20.18
C PRO A 238 6.94 13.46 18.99
N ALA A 239 6.82 14.78 18.80
CA ALA A 239 6.05 15.32 17.69
C ALA A 239 6.45 14.69 16.36
N GLU A 240 7.76 14.48 16.16
CA GLU A 240 8.22 13.95 14.85
C GLU A 240 7.67 12.53 14.58
N ALA A 241 7.58 11.73 15.62
CA ALA A 241 7.08 10.33 15.49
C ALA A 241 5.58 10.39 15.23
N ILE A 242 4.89 11.32 15.89
CA ILE A 242 3.42 11.43 15.65
C ILE A 242 3.17 11.91 14.21
N HIS A 243 3.93 12.90 13.77
CA HIS A 243 3.86 13.34 12.36
C HIS A 243 4.10 12.16 11.39
N ASN A 244 5.15 11.37 11.64
CA ASN A 244 5.41 10.18 10.78
C ASN A 244 4.24 9.19 10.82
N TRP A 245 3.67 9.00 12.01
CA TRP A 245 2.47 8.17 12.15
C TRP A 245 1.30 8.70 11.28
N ILE A 246 0.98 9.99 11.41
CA ILE A 246 -0.18 10.51 10.66
C ILE A 246 0.06 10.39 9.14
N ARG A 247 1.23 10.83 8.70
CA ARG A 247 1.51 10.82 7.26
C ARG A 247 1.65 9.40 6.70
N GLY A 248 2.11 8.49 7.56
CA GLY A 248 2.27 7.06 7.22
C GLY A 248 0.97 6.28 7.24
N ASN A 249 -0.13 6.94 7.52
CA ASN A 249 -1.45 6.35 7.39
C ASN A 249 -2.39 7.23 6.57
N ASP A 250 -1.81 8.18 5.82
CA ASP A 250 -2.56 9.20 5.04
C ASP A 250 -2.39 8.88 3.55
N LYS A 251 -3.46 8.50 2.82
CA LYS A 251 -4.86 8.63 3.22
C LYS A 251 -5.46 7.36 3.81
N VAL A 252 -4.82 6.20 3.55
CA VAL A 252 -5.36 4.91 3.97
C VAL A 252 -4.43 4.25 4.99
N PRO A 253 -4.96 3.78 6.15
CA PRO A 253 -6.37 3.79 6.57
C PRO A 253 -6.85 5.06 7.30
N GLY A 254 -5.90 5.95 7.61
CA GLY A 254 -6.22 7.23 8.26
C GLY A 254 -6.00 7.13 9.76
N ALA A 255 -4.94 7.79 10.25
CA ALA A 255 -4.62 7.83 11.69
C ALA A 255 -5.74 8.58 12.43
N TRP A 256 -6.09 8.08 13.61
CA TRP A 256 -7.26 8.64 14.29
C TRP A 256 -7.09 8.69 15.78
N THR A 257 -7.95 9.50 16.40
CA THR A 257 -8.00 9.54 17.85
C THR A 257 -9.44 9.89 18.26
N GLU A 258 -9.74 9.79 19.55
CA GLU A 258 -11.06 10.20 20.04
C GLU A 258 -10.91 11.56 20.69
N ALA A 259 -11.75 12.48 20.25
CA ALA A 259 -11.73 13.86 20.79
C ALA A 259 -13.10 14.44 20.57
N CYS A 260 -13.60 15.22 21.54
CA CYS A 260 -14.93 15.83 21.44
C CYS A 260 -16.01 14.78 21.13
N GLU A 261 -15.96 13.67 21.87
CA GLU A 261 -16.91 12.55 21.72
C GLU A 261 -17.05 11.90 20.36
N GLN A 262 -16.05 12.03 19.51
CA GLN A 262 -16.12 11.30 18.26
C GLN A 262 -14.73 10.85 17.85
N LYS A 263 -14.69 9.91 16.90
CA LYS A 263 -13.45 9.45 16.27
C LYS A 263 -13.10 10.39 15.14
N LEU A 264 -11.98 11.11 15.31
CA LEU A 264 -11.52 12.08 14.33
C LEU A 264 -10.31 11.47 13.63
N THR A 265 -10.24 11.63 12.31
CA THR A 265 -9.10 11.14 11.51
C THR A 265 -8.34 12.38 11.03
N PHE A 266 -7.00 12.36 11.14
CA PHE A 266 -6.18 13.50 10.83
C PHE A 266 -5.38 13.24 9.56
N PHE A 267 -5.34 14.24 8.70
CA PHE A 267 -4.62 14.16 7.43
C PHE A 267 -3.78 15.42 7.17
N ASN A 268 -2.80 15.31 6.26
CA ASN A 268 -1.99 16.45 5.81
C ASN A 268 -1.26 17.15 6.96
N SER A 269 -0.44 16.35 7.63
CA SER A 269 0.44 16.83 8.71
C SER A 269 1.73 17.44 8.17
N THR A 270 2.30 18.34 8.97
CA THR A 270 3.63 18.91 8.71
C THR A 270 4.32 19.24 10.03
N LEU A 271 5.64 19.25 10.01
CA LEU A 271 6.43 19.73 11.14
C LEU A 271 6.94 21.14 10.85
N ASN A 272 6.51 21.73 9.75
CA ASN A 272 6.85 23.13 9.53
C ASN A 272 5.90 23.98 10.35
N THR A 273 6.32 24.41 11.53
CA THR A 273 5.39 25.21 12.34
C THR A 273 5.95 26.59 12.62
N SER A 274 6.92 26.99 11.80
CA SER A 274 7.54 28.32 11.90
C SER A 274 6.49 29.38 12.01
N GLY A 275 6.64 30.25 13.01
CA GLY A 275 5.73 31.36 13.18
C GLY A 275 4.40 31.04 13.80
N LEU A 276 4.12 29.76 14.05
CA LEU A 276 2.82 29.41 14.62
C LEU A 276 2.85 29.65 16.13
N VAL A 277 1.70 30.01 16.66
CA VAL A 277 1.56 30.11 18.12
C VAL A 277 0.32 29.36 18.56
N PRO A 278 0.36 28.77 19.77
CA PRO A 278 -0.74 27.94 20.19
C PRO A 278 -1.90 28.71 20.79
N GLU A 279 -2.50 29.59 19.99
CA GLU A 279 -3.66 30.33 20.44
C GLU A 279 -4.81 30.00 19.53
N GLY A 280 -5.97 29.73 20.12
CA GLY A 280 -7.16 29.45 19.32
C GLY A 280 -8.18 28.78 20.20
N ASP A 281 -8.85 27.75 19.67
CA ASP A 281 -9.81 26.97 20.42
C ASP A 281 -9.22 25.63 20.83
N ALA A 282 -9.35 25.27 22.10
CA ALA A 282 -8.74 24.03 22.59
C ALA A 282 -9.48 22.86 21.97
N LEU A 283 -8.72 21.83 21.64
CA LEU A 283 -9.29 20.52 21.31
C LEU A 283 -8.73 19.54 22.33
N PRO A 284 -9.49 19.23 23.40
CA PRO A 284 -8.99 18.28 24.39
C PRO A 284 -8.93 16.87 23.75
N ILE A 285 -7.85 16.16 24.00
CA ILE A 285 -7.64 14.86 23.40
C ILE A 285 -7.25 13.92 24.50
N PRO A 286 -8.19 13.07 24.97
CA PRO A 286 -7.83 12.18 26.07
C PRO A 286 -6.59 11.39 25.74
N GLY A 287 -5.67 11.34 26.69
CA GLY A 287 -4.44 10.57 26.50
C GLY A 287 -3.27 11.37 25.97
N ALA A 288 -3.52 12.53 25.36
CA ALA A 288 -2.44 13.39 24.86
C ALA A 288 -1.73 14.15 25.98
N HIS A 289 -0.48 14.53 25.71
CA HIS A 289 0.39 15.20 26.69
C HIS A 289 -0.07 16.64 26.91
N ARG A 290 -0.67 17.23 25.88
CA ARG A 290 -1.28 18.56 25.95
C ARG A 290 -2.47 18.63 25.00
N PRO A 291 -3.43 19.56 25.28
CA PRO A 291 -4.53 19.70 24.33
C PRO A 291 -4.04 20.14 22.96
N GLY A 292 -4.81 19.78 21.93
CA GLY A 292 -4.64 20.37 20.61
C GLY A 292 -5.18 21.78 20.59
N VAL A 293 -4.76 22.56 19.59
CA VAL A 293 -5.31 23.90 19.41
C VAL A 293 -5.73 24.13 17.98
N VAL A 294 -7.00 24.50 17.81
CA VAL A 294 -7.52 24.82 16.47
C VAL A 294 -7.17 26.26 16.15
N THR A 295 -6.32 26.46 15.15
CA THR A 295 -5.85 27.80 14.73
C THR A 295 -6.25 28.04 13.29
N LYS A 296 -6.06 29.29 12.81
CA LYS A 296 -6.27 29.60 11.39
C LYS A 296 -5.41 28.74 10.45
N ALA A 297 -4.24 28.33 10.94
CA ALA A 297 -3.30 27.48 10.15
C ALA A 297 -3.68 25.99 10.10
N GLY A 298 -4.57 25.57 10.99
CA GLY A 298 -4.86 24.16 11.21
C GLY A 298 -4.85 23.74 12.67
N LEU A 299 -4.78 22.42 12.89
CA LEU A 299 -4.80 21.87 14.24
C LEU A 299 -3.37 21.66 14.75
N ILE A 300 -2.95 22.46 15.74
CA ILE A 300 -1.65 22.29 16.42
C ILE A 300 -1.76 21.18 17.45
N LEU A 301 -0.82 20.24 17.39
CA LEU A 301 -0.76 19.13 18.32
C LEU A 301 0.62 19.12 18.94
N PHE A 302 0.70 18.61 20.17
CA PHE A 302 1.97 18.49 20.86
C PHE A 302 2.35 17.03 21.06
N GLY A 303 3.62 16.75 20.85
CA GLY A 303 4.18 15.46 21.20
C GLY A 303 4.56 15.47 22.68
N ASN A 304 5.12 14.37 23.15
CA ASN A 304 5.46 14.29 24.57
C ASN A 304 6.79 15.02 24.83
N ASP A 305 7.33 15.66 23.80
CA ASP A 305 8.50 16.53 23.91
C ASP A 305 8.13 18.02 23.91
N ASP A 306 6.83 18.30 24.04
CA ASP A 306 6.30 19.65 23.90
C ASP A 306 6.64 20.36 22.58
N LYS A 307 7.07 19.59 21.57
CA LYS A 307 7.24 20.11 20.24
C LYS A 307 5.91 19.98 19.47
N MET A 308 5.72 20.81 18.46
CA MET A 308 4.43 20.94 17.75
C MET A 308 4.45 20.24 16.38
N LEU A 309 3.29 19.75 15.96
CA LEU A 309 3.07 19.44 14.56
C LEU A 309 1.76 20.09 14.20
N LEU A 310 1.51 20.17 12.92
CA LEU A 310 0.31 20.86 12.46
C LEU A 310 -0.44 19.94 11.50
N VAL A 311 -1.71 19.70 11.82
CA VAL A 311 -2.62 18.93 10.94
C VAL A 311 -3.57 19.85 10.20
N LYS A 312 -3.61 19.72 8.87
CA LYS A 312 -4.38 20.68 8.07
C LYS A 312 -5.79 20.21 7.77
N ASN A 313 -6.04 18.90 7.82
CA ASN A 313 -7.38 18.41 7.49
C ASN A 313 -7.88 17.40 8.50
N ILE A 314 -9.19 17.37 8.71
CA ILE A 314 -9.77 16.43 9.65
C ILE A 314 -10.95 15.78 8.97
N GLN A 315 -11.09 14.47 9.16
CA GLN A 315 -12.25 13.78 8.65
C GLN A 315 -13.09 13.35 9.81
N LEU A 316 -14.35 13.76 9.78
CA LEU A 316 -15.20 13.52 10.91
C LEU A 316 -15.64 12.07 10.86
N GLU A 317 -16.17 11.60 11.99
CA GLU A 317 -16.60 10.22 12.08
C GLU A 317 -17.62 9.89 10.99
N ASP A 318 -18.48 10.86 10.65
CA ASP A 318 -19.49 10.67 9.61
C ASP A 318 -18.93 10.68 8.18
N GLY A 319 -17.63 10.95 8.06
CA GLY A 319 -16.94 10.85 6.78
C GLY A 319 -16.69 12.19 6.12
N LYS A 320 -17.30 13.25 6.65
CA LYS A 320 -17.13 14.58 6.09
C LYS A 320 -15.69 15.09 6.30
N MET A 321 -15.09 15.58 5.22
CA MET A 321 -13.75 16.11 5.24
C MET A 321 -13.77 17.62 5.40
N ILE A 322 -12.96 18.14 6.34
CA ILE A 322 -12.93 19.58 6.56
C ILE A 322 -11.50 20.06 6.67
N LEU A 323 -11.31 21.36 6.53
CA LEU A 323 -10.06 22.01 6.92
C LEU A 323 -10.06 22.04 8.45
N ALA A 324 -8.93 21.70 9.05
CA ALA A 324 -8.90 21.55 10.50
C ALA A 324 -9.27 22.90 11.13
N SER A 325 -8.85 23.98 10.47
CA SER A 325 -9.08 25.34 10.98
C SER A 325 -10.57 25.65 11.12
N ASN A 326 -11.40 24.89 10.42
CA ASN A 326 -12.83 25.12 10.45
C ASN A 326 -13.55 24.18 11.40
N PHE A 327 -12.81 23.51 12.30
CA PHE A 327 -13.42 22.47 13.12
C PHE A 327 -14.59 22.94 13.97
N PHE A 328 -14.46 24.10 14.58
CA PHE A 328 -15.50 24.63 15.47
C PHE A 328 -16.40 25.59 14.72
N LYS A 329 -16.27 25.55 13.41
CA LYS A 329 -17.01 26.35 12.43
C LYS A 329 -16.50 27.79 12.37
#